data_8BWA
#
_entry.id   8BWA
#
_cell.length_a   98.430
_cell.length_b   98.430
_cell.length_c   188.160
_cell.angle_alpha   90.000
_cell.angle_beta   90.000
_cell.angle_gamma   120.000
#
_symmetry.space_group_name_H-M   'P 65 2 2'
#
loop_
_entity.id
_entity.type
_entity.pdbx_description
1 polymer 'Twisted gastrulation protein homolog 1'
2 non-polymer 'PLATINUM (II) ION'
#
_entity_poly.entity_id   1
_entity_poly.type   'polypeptide(L)'
_entity_poly.pdbx_seq_one_letter_code
;ETGCNKALCASDVSKCLIQELCQCRPGEGNCSCCKECMLCLGALWDECCDCVGMCNPRNYSDTPPTSKSTVEELHEPIPS
LFRALTEGDTQLNWNIVSFPVAEELSHHENLVSFLETVNQPHHQNVSVPSNNVHAPYSSDKEHMCTVVYFDDCMSIHQCK
ISCESMGASKYRWFHNACCECIGPECIDYGSKTVKCMNCMFGTKHHHHHH
;
_entity_poly.pdbx_strand_id   A,B
#
loop_
_chem_comp.id
_chem_comp.type
_chem_comp.name
_chem_comp.formula
PT non-polymer 'PLATINUM (II) ION' 'Pt 2'
#
# COMPACT_ATOMS: atom_id res chain seq x y z
N GLY A 3 -17.58 9.65 10.93
CA GLY A 3 -17.65 10.06 9.50
C GLY A 3 -17.09 11.44 9.25
N CYS A 4 -17.93 12.45 9.41
CA CYS A 4 -17.50 13.83 9.21
C CYS A 4 -16.45 14.22 10.24
N ASN A 5 -15.42 14.94 9.79
CA ASN A 5 -14.38 15.48 10.66
C ASN A 5 -14.85 16.86 11.10
N LYS A 6 -15.54 16.91 12.24
CA LYS A 6 -16.16 18.15 12.67
C LYS A 6 -15.12 19.24 12.93
N ALA A 7 -14.03 18.91 13.61
CA ALA A 7 -13.08 19.94 14.02
C ALA A 7 -12.43 20.61 12.82
N LEU A 8 -12.00 19.82 11.83
CA LEU A 8 -11.41 20.38 10.62
C LEU A 8 -12.42 21.20 9.81
N CYS A 9 -13.65 20.70 9.69
CA CYS A 9 -14.56 21.13 8.62
C CYS A 9 -15.68 22.05 9.07
N ALA A 10 -15.91 22.22 10.37
CA ALA A 10 -17.13 22.88 10.82
C ALA A 10 -17.22 24.32 10.33
N SER A 11 -16.10 25.06 10.38
CA SER A 11 -16.11 26.46 9.95
C SER A 11 -16.53 26.59 8.49
N ASP A 12 -15.73 26.05 7.57
CA ASP A 12 -16.02 26.21 6.15
C ASP A 12 -17.35 25.58 5.79
N VAL A 13 -17.65 24.40 6.34
CA VAL A 13 -18.89 23.73 5.98
C VAL A 13 -20.07 24.60 6.37
N SER A 14 -20.02 25.18 7.58
CA SER A 14 -21.09 26.09 7.98
C SER A 14 -21.15 27.28 7.03
N LYS A 15 -19.98 27.75 6.59
CA LYS A 15 -19.98 28.93 5.73
C LYS A 15 -20.75 28.66 4.45
N CYS A 16 -20.51 27.49 3.85
CA CYS A 16 -21.26 27.09 2.67
C CYS A 16 -22.74 26.91 3.00
N LEU A 17 -23.05 26.30 4.15
CA LEU A 17 -24.45 26.06 4.49
C LEU A 17 -25.21 27.38 4.63
N ILE A 18 -24.58 28.37 5.27
CA ILE A 18 -25.19 29.68 5.41
C ILE A 18 -25.41 30.28 4.03
N GLN A 19 -24.43 30.16 3.15
CA GLN A 19 -24.64 30.61 1.77
C GLN A 19 -25.72 29.80 1.08
N GLU A 20 -26.06 28.62 1.62
CA GLU A 20 -27.18 27.79 1.20
C GLU A 20 -26.72 26.88 0.06
N LEU A 21 -25.42 26.71 -0.07
CA LEU A 21 -24.88 25.70 -0.96
C LEU A 21 -24.95 24.33 -0.30
N CYS A 22 -24.73 23.30 -1.11
CA CYS A 22 -24.81 21.91 -0.67
C CYS A 22 -26.19 21.58 -0.07
N GLN A 23 -27.23 22.14 -0.67
CA GLN A 23 -28.60 21.84 -0.29
C GLN A 23 -29.20 20.66 -1.06
N CYS A 24 -28.45 20.08 -2.00
CA CYS A 24 -28.97 19.06 -2.90
C CYS A 24 -28.24 17.75 -2.61
N ARG A 25 -29.01 16.68 -2.44
CA ARG A 25 -28.42 15.37 -2.13
C ARG A 25 -28.12 14.61 -3.43
N PRO A 26 -26.86 14.26 -3.69
CA PRO A 26 -26.59 13.32 -4.80
C PRO A 26 -27.24 11.97 -4.62
N GLY A 27 -27.46 11.54 -3.37
CA GLY A 27 -27.75 10.14 -3.12
C GLY A 27 -28.99 9.65 -3.83
N GLU A 28 -30.05 10.46 -3.83
CA GLU A 28 -31.22 10.22 -4.67
C GLU A 28 -31.47 11.42 -5.56
N GLY A 29 -31.63 11.17 -6.85
CA GLY A 29 -31.93 12.22 -7.80
C GLY A 29 -30.70 13.00 -8.21
N ASN A 30 -30.93 13.96 -9.11
CA ASN A 30 -29.88 14.86 -9.54
C ASN A 30 -29.44 15.77 -8.40
N CYS A 31 -28.14 16.07 -8.35
CA CYS A 31 -27.62 17.09 -7.45
C CYS A 31 -27.16 18.28 -8.31
N SER A 32 -28.04 19.27 -8.44
CA SER A 32 -27.73 20.45 -9.23
C SER A 32 -26.56 21.21 -8.63
N CYS A 33 -26.51 21.30 -7.31
CA CYS A 33 -25.61 22.18 -6.59
C CYS A 33 -24.23 21.57 -6.38
N CYS A 34 -23.98 20.34 -6.84
CA CYS A 34 -22.79 19.62 -6.41
C CYS A 34 -21.52 20.37 -6.81
N LYS A 35 -21.45 20.88 -8.04
CA LYS A 35 -20.29 21.63 -8.47
C LYS A 35 -20.11 22.90 -7.65
N GLU A 36 -21.21 23.62 -7.39
CA GLU A 36 -21.12 24.84 -6.58
C GLU A 36 -20.64 24.50 -5.18
N CYS A 37 -21.16 23.41 -4.61
CA CYS A 37 -20.75 23.01 -3.27
C CYS A 37 -19.26 22.71 -3.24
N MET A 38 -18.77 22.00 -4.27
CA MET A 38 -17.35 21.68 -4.32
C MET A 38 -16.53 22.95 -4.39
N LEU A 39 -16.96 23.90 -5.22
CA LEU A 39 -16.20 25.14 -5.34
C LEU A 39 -16.16 25.90 -4.03
N CYS A 40 -17.30 25.97 -3.32
CA CYS A 40 -17.32 26.66 -2.04
C CYS A 40 -16.39 25.99 -1.03
N LEU A 41 -16.41 24.66 -0.97
CA LEU A 41 -15.47 23.95 -0.11
C LEU A 41 -14.02 24.19 -0.52
N GLY A 42 -13.74 24.19 -1.81
CA GLY A 42 -12.38 24.34 -2.28
C GLY A 42 -11.47 23.25 -1.77
N ALA A 43 -10.33 23.64 -1.19
CA ALA A 43 -9.28 22.67 -0.89
C ALA A 43 -9.73 21.61 0.10
N LEU A 44 -10.79 21.87 0.85
CA LEU A 44 -11.28 20.97 1.90
C LEU A 44 -12.28 19.96 1.39
N TRP A 45 -12.56 19.94 0.09
CA TRP A 45 -13.59 19.05 -0.44
C TRP A 45 -13.26 17.58 -0.19
N ASP A 46 -12.01 17.19 -0.38
CA ASP A 46 -11.64 15.79 -0.18
C ASP A 46 -11.87 15.35 1.27
N GLU A 47 -11.50 16.18 2.24
CA GLU A 47 -11.61 15.82 3.64
C GLU A 47 -12.93 16.23 4.30
N CYS A 48 -13.82 16.90 3.57
CA CYS A 48 -15.04 17.42 4.19
C CYS A 48 -16.29 17.23 3.33
N CYS A 49 -16.18 16.62 2.16
CA CYS A 49 -17.37 16.37 1.36
C CYS A 49 -18.35 15.44 2.06
N ASP A 50 -17.86 14.61 2.98
CA ASP A 50 -18.74 13.73 3.74
C ASP A 50 -19.73 14.53 4.58
N CYS A 51 -19.27 15.62 5.20
CA CYS A 51 -20.11 16.35 6.14
C CYS A 51 -21.37 16.88 5.46
N VAL A 52 -21.21 17.43 4.25
CA VAL A 52 -22.36 17.94 3.50
C VAL A 52 -23.14 16.84 2.79
N GLY A 53 -22.70 15.59 2.88
CA GLY A 53 -23.41 14.48 2.27
C GLY A 53 -23.11 14.28 0.80
N MET A 54 -22.19 15.04 0.22
CA MET A 54 -21.87 14.92 -1.20
C MET A 54 -20.96 13.73 -1.50
N CYS A 55 -20.38 13.11 -0.48
CA CYS A 55 -19.45 12.00 -0.69
C CYS A 55 -19.53 11.08 0.52
N ASN A 56 -19.06 9.86 0.33
CA ASN A 56 -19.24 8.83 1.34
C ASN A 56 -18.45 9.18 2.60
N PRO A 57 -18.96 8.75 3.76
CA PRO A 57 -18.25 9.03 5.02
C PRO A 57 -16.89 8.36 5.05
N ARG A 58 -15.96 8.98 5.76
CA ARG A 58 -14.62 8.42 5.87
C ARG A 58 -14.70 7.00 6.39
N ASN A 59 -13.93 6.10 5.78
CA ASN A 59 -14.32 4.70 5.71
C ASN A 59 -14.53 4.11 7.09
N TYR A 60 -15.61 3.35 7.24
CA TYR A 60 -15.89 2.56 8.42
C TYR A 60 -15.23 1.18 8.37
N SER A 61 -14.55 0.86 7.27
CA SER A 61 -14.16 -0.50 6.96
C SER A 61 -12.69 -0.54 6.58
N ASP A 62 -12.05 -1.67 6.83
CA ASP A 62 -10.66 -1.88 6.47
C ASP A 62 -10.61 -2.57 5.11
N THR A 63 -9.96 -1.94 4.15
CA THR A 63 -9.96 -2.44 2.78
C THR A 63 -9.07 -3.67 2.67
N PRO A 64 -9.57 -4.80 2.18
CA PRO A 64 -8.72 -6.00 2.06
C PRO A 64 -7.53 -5.72 1.15
N PRO A 65 -6.37 -6.31 1.46
CA PRO A 65 -5.23 -6.16 0.55
C PRO A 65 -5.49 -6.66 -0.86
N THR A 66 -6.31 -7.71 -1.01
CA THR A 66 -6.59 -8.26 -2.33
C THR A 66 -7.29 -7.27 -3.25
N SER A 67 -7.95 -6.25 -2.68
CA SER A 67 -8.75 -5.35 -3.51
C SER A 67 -7.90 -4.62 -4.54
N LYS A 68 -6.73 -4.12 -4.14
CA LYS A 68 -5.76 -3.62 -5.12
C LYS A 68 -5.17 -4.76 -5.94
N SER A 69 -5.02 -4.51 -7.24
CA SER A 69 -4.14 -5.30 -8.10
C SER A 69 -3.46 -4.37 -9.09
N THR A 70 -2.29 -4.79 -9.56
CA THR A 70 -1.51 -4.06 -10.55
C THR A 70 -1.40 -4.92 -11.80
N VAL A 71 -1.71 -4.36 -12.96
CA VAL A 71 -1.82 -5.12 -14.19
C VAL A 71 -0.92 -4.50 -15.25
N GLU A 72 -0.12 -5.33 -15.91
CA GLU A 72 0.69 -4.87 -17.03
C GLU A 72 0.56 -5.85 -18.19
N GLU A 73 0.77 -5.34 -19.41
CA GLU A 73 0.69 -6.13 -20.62
C GLU A 73 2.10 -6.45 -21.10
N LEU A 74 2.39 -7.74 -21.25
CA LEU A 74 3.72 -8.18 -21.65
C LEU A 74 4.02 -7.78 -23.09
N HIS A 75 5.24 -7.31 -23.32
CA HIS A 75 5.75 -7.10 -24.67
C HIS A 75 5.93 -8.43 -25.38
N GLU A 76 5.65 -8.44 -26.69
CA GLU A 76 5.89 -9.59 -27.54
C GLU A 76 5.31 -10.88 -26.97
N PRO A 77 4.00 -10.94 -26.78
CA PRO A 77 3.36 -12.20 -26.36
C PRO A 77 3.52 -13.33 -27.38
N ILE A 78 3.54 -14.56 -26.87
CA ILE A 78 3.82 -15.75 -27.66
C ILE A 78 2.65 -16.71 -27.44
N PRO A 79 1.51 -16.51 -28.09
CA PRO A 79 0.32 -17.31 -27.76
C PRO A 79 0.49 -18.81 -27.91
N SER A 80 1.27 -19.26 -28.89
CA SER A 80 1.41 -20.70 -29.09
C SER A 80 2.02 -21.37 -27.87
N LEU A 81 3.04 -20.75 -27.27
CA LEU A 81 3.63 -21.31 -26.06
C LEU A 81 2.60 -21.38 -24.94
N PHE A 82 1.80 -20.32 -24.79
CA PHE A 82 0.85 -20.29 -23.68
C PHE A 82 -0.15 -21.41 -23.83
N ARG A 83 -0.66 -21.62 -25.06
CA ARG A 83 -1.61 -22.70 -25.27
C ARG A 83 -0.92 -24.04 -25.01
N ALA A 84 0.31 -24.20 -25.48
CA ALA A 84 0.95 -25.51 -25.41
C ALA A 84 1.12 -25.91 -23.95
N LEU A 85 1.55 -24.96 -23.12
CA LEU A 85 1.75 -25.26 -21.70
C LEU A 85 0.45 -25.27 -20.92
N THR A 86 -0.65 -24.76 -21.48
CA THR A 86 -1.91 -24.72 -20.74
C THR A 86 -2.76 -25.97 -21.00
N GLU A 87 -2.91 -26.37 -22.26
CA GLU A 87 -3.85 -27.43 -22.60
C GLU A 87 -3.48 -28.75 -21.93
N GLY A 88 -2.18 -29.08 -21.92
CA GLY A 88 -1.73 -30.37 -21.43
C GLY A 88 -1.72 -30.43 -19.92
N ASP A 89 -1.36 -31.61 -19.41
CA ASP A 89 -1.32 -31.84 -17.98
C ASP A 89 -0.58 -30.70 -17.29
N THR A 90 -1.34 -29.84 -16.62
CA THR A 90 -0.79 -28.60 -16.10
C THR A 90 0.18 -28.87 -14.95
N GLN A 91 1.13 -27.96 -14.79
CA GLN A 91 2.09 -28.04 -13.69
C GLN A 91 1.35 -27.91 -12.37
N LEU A 92 1.81 -28.64 -11.36
CA LEU A 92 1.13 -28.62 -10.07
C LEU A 92 1.17 -27.22 -9.46
N ASN A 93 2.29 -26.53 -9.59
CA ASN A 93 2.39 -25.17 -9.08
C ASN A 93 1.39 -24.24 -9.77
N TRP A 94 0.88 -24.62 -10.93
CA TRP A 94 -0.01 -23.78 -11.73
C TRP A 94 -1.44 -24.32 -11.62
N ASN A 95 -2.39 -23.43 -11.32
CA ASN A 95 -3.82 -23.72 -11.38
C ASN A 95 -4.38 -23.03 -12.60
N ILE A 96 -5.10 -23.76 -13.45
CA ILE A 96 -5.52 -23.22 -14.75
C ILE A 96 -7.04 -23.06 -14.73
N VAL A 97 -7.50 -21.84 -15.01
CA VAL A 97 -8.93 -21.53 -15.04
C VAL A 97 -9.27 -20.98 -16.41
N SER A 98 -10.28 -21.57 -17.06
CA SER A 98 -10.89 -20.99 -18.25
C SER A 98 -12.33 -20.61 -17.94
N PHE A 99 -12.67 -19.36 -18.20
CA PHE A 99 -14.00 -18.82 -17.99
C PHE A 99 -14.42 -18.01 -19.21
N PRO A 100 -15.72 -17.86 -19.45
CA PRO A 100 -16.15 -17.11 -20.64
C PRO A 100 -15.61 -15.68 -20.63
N VAL A 101 -15.25 -15.21 -21.82
CA VAL A 101 -14.58 -13.92 -21.98
C VAL A 101 -15.60 -12.80 -21.80
N ALA A 102 -15.25 -11.81 -20.97
CA ALA A 102 -16.10 -10.66 -20.65
C ALA A 102 -16.96 -10.94 -19.42
N GLU A 103 -16.73 -12.07 -18.76
CA GLU A 103 -17.37 -12.30 -17.46
C GLU A 103 -16.93 -11.28 -16.43
N GLU A 104 -15.63 -10.93 -16.43
CA GLU A 104 -15.12 -10.03 -15.41
C GLU A 104 -15.80 -8.66 -15.48
N LEU A 105 -16.00 -8.14 -16.69
CA LEU A 105 -16.68 -6.85 -16.88
C LEU A 105 -17.92 -6.73 -16.00
N HIS A 143 -13.87 -16.15 -27.84
CA HIS A 143 -14.79 -17.17 -27.33
C HIS A 143 -14.70 -17.29 -25.82
N MET A 144 -13.56 -17.76 -25.31
CA MET A 144 -13.36 -17.94 -23.88
C MET A 144 -11.99 -17.42 -23.49
N CYS A 145 -11.87 -17.00 -22.22
CA CYS A 145 -10.65 -16.43 -21.66
C CYS A 145 -10.01 -17.44 -20.70
N THR A 146 -8.72 -17.69 -20.89
CA THR A 146 -7.98 -18.65 -20.07
C THR A 146 -6.88 -17.92 -19.31
N VAL A 147 -6.80 -18.17 -18.01
CA VAL A 147 -5.79 -17.56 -17.14
C VAL A 147 -5.13 -18.64 -16.30
N VAL A 148 -3.93 -18.31 -15.83
CA VAL A 148 -3.14 -19.21 -14.97
C VAL A 148 -2.88 -18.52 -13.64
N TYR A 149 -3.22 -19.22 -12.55
CA TYR A 149 -3.08 -18.74 -11.19
C TYR A 149 -1.92 -19.48 -10.53
N PHE A 150 -0.83 -18.76 -10.24
CA PHE A 150 0.29 -19.38 -9.56
C PHE A 150 -0.09 -19.74 -8.13
N ASP A 151 0.36 -20.91 -7.68
CA ASP A 151 -0.01 -21.41 -6.36
C ASP A 151 0.66 -20.60 -5.26
N ASP A 152 1.94 -20.86 -5.01
CA ASP A 152 2.63 -20.18 -3.92
C ASP A 152 2.70 -18.68 -4.21
N CYS A 153 2.49 -17.88 -3.19
CA CYS A 153 2.55 -16.43 -3.35
C CYS A 153 3.96 -15.99 -3.71
N MET A 154 4.06 -15.03 -4.63
CA MET A 154 5.33 -14.61 -5.19
C MET A 154 5.34 -13.10 -5.35
N SER A 155 6.55 -12.54 -5.41
CA SER A 155 6.72 -11.12 -5.66
C SER A 155 6.33 -10.77 -7.09
N ILE A 156 6.01 -9.48 -7.28
CA ILE A 156 5.53 -9.02 -8.59
C ILE A 156 6.60 -9.26 -9.66
N HIS A 157 7.85 -8.94 -9.36
CA HIS A 157 8.90 -9.12 -10.37
C HIS A 157 9.04 -10.58 -10.78
N GLN A 158 8.99 -11.49 -9.81
CA GLN A 158 8.95 -12.91 -10.13
C GLN A 158 7.71 -13.26 -10.94
N CYS A 159 6.56 -12.68 -10.57
CA CYS A 159 5.33 -13.01 -11.28
C CYS A 159 5.43 -12.60 -12.75
N LYS A 160 5.98 -11.40 -12.99
CA LYS A 160 6.18 -10.94 -14.36
C LYS A 160 7.13 -11.85 -15.12
N ILE A 161 8.23 -12.25 -14.48
CA ILE A 161 9.19 -13.10 -15.18
C ILE A 161 8.55 -14.44 -15.55
N SER A 162 7.82 -15.04 -14.60
CA SER A 162 7.18 -16.33 -14.86
C SER A 162 6.13 -16.23 -15.95
N CYS A 163 5.31 -15.18 -15.94
CA CYS A 163 4.36 -14.98 -17.03
C CYS A 163 5.08 -14.78 -18.35
N GLU A 164 6.16 -14.00 -18.35
CA GLU A 164 6.87 -13.75 -19.61
C GLU A 164 7.42 -15.05 -20.16
N SER A 165 8.00 -15.89 -19.29
CA SER A 165 8.44 -17.20 -19.72
C SER A 165 7.28 -18.04 -20.24
N MET A 166 6.06 -17.76 -19.76
CA MET A 166 4.90 -18.53 -20.18
C MET A 166 4.33 -18.06 -21.51
N GLY A 167 4.80 -16.94 -22.06
CA GLY A 167 4.22 -16.40 -23.26
C GLY A 167 2.95 -15.61 -23.06
N ALA A 168 2.55 -15.37 -21.81
CA ALA A 168 1.27 -14.75 -21.53
C ALA A 168 1.19 -13.35 -22.11
N SER A 169 0.01 -12.99 -22.63
CA SER A 169 -0.22 -11.64 -23.10
C SER A 169 -0.10 -10.61 -21.98
N LYS A 170 -0.64 -10.92 -20.80
CA LYS A 170 -0.69 -9.91 -19.75
C LYS A 170 -0.55 -10.60 -18.40
N TYR A 171 -0.17 -9.83 -17.37
CA TYR A 171 -0.23 -10.37 -16.02
C TYR A 171 -0.93 -9.41 -15.08
N ARG A 172 -1.68 -9.99 -14.14
CA ARG A 172 -2.29 -9.27 -13.03
C ARG A 172 -1.65 -9.76 -11.73
N TRP A 173 -1.17 -8.82 -10.91
CA TRP A 173 -0.56 -9.14 -9.63
C TRP A 173 -1.47 -8.58 -8.54
N PHE A 174 -2.08 -9.48 -7.79
CA PHE A 174 -2.83 -9.08 -6.61
C PHE A 174 -1.87 -8.59 -5.52
N HIS A 175 -2.33 -7.61 -4.74
CA HIS A 175 -1.49 -7.07 -3.68
C HIS A 175 -1.44 -7.96 -2.46
N ASN A 176 -2.26 -9.00 -2.39
CA ASN A 176 -1.97 -10.13 -1.52
C ASN A 176 -0.78 -10.93 -2.02
N ALA A 177 -0.34 -10.68 -3.25
CA ALA A 177 0.83 -11.22 -3.94
C ALA A 177 0.49 -12.46 -4.75
N CYS A 178 -0.77 -12.86 -4.84
CA CYS A 178 -1.16 -13.88 -5.80
C CYS A 178 -0.93 -13.37 -7.21
N CYS A 179 -0.46 -14.27 -8.09
CA CYS A 179 -0.09 -13.92 -9.46
C CYS A 179 -0.99 -14.64 -10.45
N GLU A 180 -1.54 -13.89 -11.42
CA GLU A 180 -2.44 -14.44 -12.42
C GLU A 180 -1.96 -14.01 -13.80
N CYS A 181 -1.30 -14.92 -14.53
CA CYS A 181 -1.02 -14.67 -15.93
C CYS A 181 -2.32 -14.71 -16.73
N ILE A 182 -2.39 -13.86 -17.76
CA ILE A 182 -3.57 -13.66 -18.59
C ILE A 182 -3.22 -14.08 -20.00
N GLY A 183 -4.06 -14.96 -20.56
CA GLY A 183 -3.87 -15.54 -21.87
C GLY A 183 -4.15 -14.64 -23.05
N PRO A 184 -3.63 -15.03 -24.21
CA PRO A 184 -3.88 -14.24 -25.44
C PRO A 184 -5.35 -14.07 -25.77
N GLU A 185 -6.18 -15.09 -25.51
CA GLU A 185 -7.58 -15.00 -25.87
C GLU A 185 -8.26 -13.87 -25.11
N CYS A 186 -7.95 -13.72 -23.82
CA CYS A 186 -8.75 -12.88 -22.96
C CYS A 186 -8.80 -11.46 -23.51
N ILE A 187 -10.00 -10.89 -23.57
CA ILE A 187 -10.13 -9.50 -24.03
C ILE A 187 -9.42 -8.57 -23.07
N ASP A 188 -9.62 -8.77 -21.77
CA ASP A 188 -9.24 -7.78 -20.77
C ASP A 188 -8.15 -8.33 -19.86
N TYR A 189 -8.18 -7.99 -18.58
CA TYR A 189 -7.20 -8.46 -17.61
C TYR A 189 -7.64 -9.71 -16.85
N GLY A 190 -8.80 -10.28 -17.17
CA GLY A 190 -9.25 -11.48 -16.54
C GLY A 190 -9.89 -11.27 -15.18
N SER A 191 -10.20 -12.40 -14.53
CA SER A 191 -10.99 -12.38 -13.30
C SER A 191 -10.29 -11.59 -12.20
N LYS A 192 -11.07 -10.76 -11.51
CA LYS A 192 -10.60 -10.07 -10.31
C LYS A 192 -10.40 -11.01 -9.13
N THR A 193 -11.00 -12.20 -9.16
CA THR A 193 -10.93 -13.11 -8.03
C THR A 193 -9.50 -13.58 -7.76
N VAL A 194 -9.17 -13.68 -6.47
CA VAL A 194 -7.89 -14.26 -6.03
C VAL A 194 -8.13 -15.76 -5.89
N LYS A 195 -8.11 -16.44 -7.02
CA LYS A 195 -8.50 -17.85 -7.07
C LYS A 195 -7.33 -18.81 -6.91
N CYS A 196 -6.11 -18.31 -6.70
CA CYS A 196 -4.96 -19.20 -6.64
C CYS A 196 -4.79 -19.82 -5.27
N MET A 197 -4.66 -21.15 -5.25
CA MET A 197 -4.49 -21.91 -4.03
C MET A 197 -3.15 -21.61 -3.37
N ASN A 198 -3.11 -21.73 -2.04
CA ASN A 198 -1.91 -21.51 -1.24
C ASN A 198 -1.49 -20.04 -1.22
N CYS A 199 -2.39 -19.14 -1.58
CA CYS A 199 -2.31 -17.74 -1.18
C CYS A 199 -3.71 -17.14 -1.19
N MET A 200 -4.50 -17.47 -0.18
CA MET A 200 -5.85 -16.94 -0.02
C MET A 200 -5.89 -15.77 0.94
N PHE A 201 -4.72 -15.28 1.35
CA PHE A 201 -4.65 -14.23 2.36
C PHE A 201 -5.41 -13.00 1.87
N GLY A 202 -6.18 -12.39 2.78
CA GLY A 202 -7.17 -11.41 2.42
C GLY A 202 -8.58 -11.93 2.31
N THR A 203 -8.83 -13.19 2.68
CA THR A 203 -10.19 -13.73 2.71
C THR A 203 -10.46 -14.38 4.07
N GLY B 3 -11.78 -6.14 18.49
CA GLY B 3 -10.40 -6.65 18.64
C GLY B 3 -10.27 -8.12 18.31
N CYS B 4 -10.52 -8.97 19.30
CA CYS B 4 -10.45 -10.40 19.09
C CYS B 4 -11.52 -10.85 18.09
N ASN B 5 -11.14 -11.76 17.19
CA ASN B 5 -12.06 -12.36 16.23
C ASN B 5 -12.64 -13.60 16.90
N LYS B 6 -13.78 -13.42 17.56
CA LYS B 6 -14.34 -14.50 18.37
C LYS B 6 -14.69 -15.71 17.51
N ALA B 7 -15.33 -15.49 16.37
CA ALA B 7 -15.81 -16.62 15.58
C ALA B 7 -14.66 -17.49 15.07
N LEU B 8 -13.62 -16.85 14.54
CA LEU B 8 -12.45 -17.60 14.09
C LEU B 8 -11.72 -18.30 15.23
N CYS B 9 -11.54 -17.61 16.36
CA CYS B 9 -10.52 -17.97 17.34
C CYS B 9 -11.04 -18.64 18.60
N ALA B 10 -12.35 -18.62 18.85
CA ALA B 10 -12.86 -19.00 20.17
C ALA B 10 -12.53 -20.45 20.49
N SER B 11 -12.69 -21.35 19.52
CA SER B 11 -12.43 -22.77 19.76
C SER B 11 -10.99 -23.00 20.21
N ASP B 12 -10.03 -22.72 19.33
CA ASP B 12 -8.64 -23.01 19.64
C ASP B 12 -8.17 -22.21 20.86
N VAL B 13 -8.55 -20.93 20.96
CA VAL B 13 -8.07 -20.13 22.07
C VAL B 13 -8.56 -20.73 23.38
N SER B 14 -9.84 -21.12 23.44
CA SER B 14 -10.33 -21.78 24.65
C SER B 14 -9.57 -23.07 24.89
N LYS B 15 -9.23 -23.79 23.81
CA LYS B 15 -8.57 -25.08 23.98
C LYS B 15 -7.23 -24.89 24.69
N CYS B 16 -6.48 -23.85 24.27
CA CYS B 16 -5.24 -23.53 24.96
C CYS B 16 -5.50 -23.10 26.39
N LEU B 17 -6.55 -22.31 26.62
CA LEU B 17 -6.82 -21.84 27.97
C LEU B 17 -7.10 -23.01 28.90
N ILE B 18 -7.88 -23.99 28.41
CA ILE B 18 -8.16 -25.18 29.20
C ILE B 18 -6.86 -25.92 29.50
N GLN B 19 -5.98 -26.04 28.50
CA GLN B 19 -4.68 -26.62 28.75
C GLN B 19 -3.87 -25.76 29.71
N GLU B 20 -4.27 -24.50 29.91
CA GLU B 20 -3.72 -23.60 30.91
C GLU B 20 -2.49 -22.89 30.34
N LEU B 21 -2.37 -22.92 29.02
CA LEU B 21 -1.38 -22.10 28.33
C LEU B 21 -1.88 -20.66 28.23
N CYS B 22 -0.95 -19.78 27.85
CA CYS B 22 -1.21 -18.35 27.74
C CYS B 22 -1.73 -17.77 29.06
N GLN B 23 -1.16 -18.24 30.16
CA GLN B 23 -1.48 -17.71 31.48
C GLN B 23 -0.55 -16.57 31.90
N CYS B 24 0.43 -16.24 31.07
CA CYS B 24 1.47 -15.27 31.42
C CYS B 24 1.35 -14.06 30.49
N ARG B 25 1.33 -12.87 31.09
CA ARG B 25 1.20 -11.64 30.31
C ARG B 25 2.57 -11.13 29.89
N PRO B 26 2.85 -11.01 28.59
CA PRO B 26 4.07 -10.29 28.17
C PRO B 26 4.10 -8.83 28.60
N GLY B 27 2.93 -8.20 28.76
CA GLY B 27 2.88 -6.75 28.83
C GLY B 27 3.70 -6.17 29.97
N GLU B 28 3.63 -6.78 31.15
CA GLU B 28 4.53 -6.48 32.24
C GLU B 28 5.27 -7.72 32.69
N GLY B 29 6.59 -7.62 32.80
CA GLY B 29 7.43 -8.70 33.26
C GLY B 29 7.70 -9.73 32.19
N ASN B 30 8.47 -10.75 32.57
CA ASN B 30 8.75 -11.85 31.66
C ASN B 30 7.49 -12.66 31.42
N CYS B 31 7.34 -13.15 30.19
CA CYS B 31 6.29 -14.12 29.85
C CYS B 31 6.95 -15.46 29.57
N SER B 32 6.98 -16.31 30.59
CA SER B 32 7.59 -17.64 30.46
C SER B 32 6.84 -18.47 29.43
N CYS B 33 5.50 -18.39 29.42
CA CYS B 33 4.65 -19.29 28.67
C CYS B 33 4.48 -18.86 27.22
N CYS B 34 5.09 -17.76 26.80
CA CYS B 34 4.76 -17.15 25.51
C CYS B 34 5.02 -18.12 24.36
N LYS B 35 6.17 -18.80 24.39
CA LYS B 35 6.49 -19.76 23.34
C LYS B 35 5.49 -20.91 23.34
N GLU B 36 5.14 -21.41 24.53
CA GLU B 36 4.17 -22.50 24.62
C GLU B 36 2.82 -22.05 24.07
N CYS B 37 2.42 -20.82 24.41
CA CYS B 37 1.14 -20.32 23.94
C CYS B 37 1.14 -20.22 22.41
N MET B 38 2.25 -19.74 21.84
CA MET B 38 2.33 -19.62 20.39
C MET B 38 2.23 -21.00 19.75
N LEU B 39 2.93 -21.99 20.33
CA LEU B 39 2.89 -23.33 19.75
C LEU B 39 1.49 -23.91 19.80
N CYS B 40 0.78 -23.72 20.93
CA CYS B 40 -0.59 -24.23 21.03
C CYS B 40 -1.50 -23.57 20.00
N LEU B 41 -1.37 -22.25 19.82
CA LEU B 41 -2.14 -21.58 18.78
C LEU B 41 -1.78 -22.09 17.39
N GLY B 42 -0.50 -22.30 17.13
CA GLY B 42 -0.07 -22.74 15.81
C GLY B 42 -0.47 -21.74 14.73
N ALA B 43 -1.10 -22.25 13.67
CA ALA B 43 -1.32 -21.46 12.47
C ALA B 43 -2.17 -20.22 12.73
N LEU B 44 -2.92 -20.20 13.82
CA LEU B 44 -3.83 -19.12 14.14
C LEU B 44 -3.18 -18.01 14.96
N TRP B 45 -1.87 -18.09 15.21
CA TRP B 45 -1.23 -17.11 16.07
C TRP B 45 -1.34 -15.69 15.51
N ASP B 46 -1.15 -15.54 14.20
CA ASP B 46 -1.21 -14.20 13.61
C ASP B 46 -2.59 -13.57 13.77
N GLU B 47 -3.65 -14.34 13.54
CA GLU B 47 -5.02 -13.81 13.59
C GLU B 47 -5.69 -13.95 14.94
N CYS B 48 -5.04 -14.55 15.94
CA CYS B 48 -5.70 -14.81 17.21
C CYS B 48 -4.82 -14.53 18.43
N CYS B 49 -3.59 -14.06 18.25
CA CYS B 49 -2.76 -13.73 19.40
C CYS B 49 -3.35 -12.62 20.23
N ASP B 50 -4.20 -11.77 19.63
CA ASP B 50 -4.86 -10.72 20.39
C ASP B 50 -5.77 -11.30 21.47
N CYS B 51 -6.50 -12.37 21.14
CA CYS B 51 -7.50 -12.89 22.06
C CYS B 51 -6.85 -13.35 23.38
N VAL B 52 -5.71 -14.02 23.29
CA VAL B 52 -4.99 -14.47 24.49
C VAL B 52 -4.18 -13.37 25.13
N GLY B 53 -4.16 -12.16 24.54
CA GLY B 53 -3.44 -11.05 25.10
C GLY B 53 -1.95 -11.01 24.79
N MET B 54 -1.46 -11.92 23.96
CA MET B 54 -0.04 -11.97 23.62
C MET B 54 0.36 -10.94 22.57
N CYS B 55 -0.61 -10.30 21.91
CA CYS B 55 -0.29 -9.34 20.85
C CYS B 55 -1.37 -8.29 20.77
N ASN B 56 -1.03 -7.17 20.16
CA ASN B 56 -1.90 -6.01 20.16
C ASN B 56 -3.19 -6.28 19.38
N PRO B 57 -4.29 -5.66 19.79
CA PRO B 57 -5.56 -5.85 19.08
C PRO B 57 -5.49 -5.36 17.64
N ARG B 58 -6.28 -6.00 16.78
CA ARG B 58 -6.31 -5.61 15.38
C ARG B 58 -6.66 -4.12 15.26
N ASN B 59 -5.94 -3.42 14.40
CA ASN B 59 -5.69 -2.00 14.60
C ASN B 59 -7.00 -1.22 14.70
N TYR B 60 -7.05 -0.31 15.67
CA TYR B 60 -8.14 0.64 15.81
C TYR B 60 -7.93 1.90 14.98
N SER B 61 -6.79 1.99 14.28
CA SER B 61 -6.32 3.24 13.71
C SER B 61 -5.94 3.01 12.27
N ASP B 62 -6.06 4.07 11.46
CA ASP B 62 -5.67 4.03 10.06
C ASP B 62 -4.25 4.55 9.94
N THR B 63 -3.36 3.72 9.41
CA THR B 63 -1.94 4.05 9.38
C THR B 63 -1.71 5.12 8.32
N PRO B 64 -1.10 6.25 8.66
CA PRO B 64 -0.85 7.30 7.66
C PRO B 64 0.02 6.77 6.54
N PRO B 65 -0.21 7.21 5.30
CA PRO B 65 0.68 6.79 4.21
C PRO B 65 2.13 7.15 4.44
N THR B 66 2.40 8.28 5.11
CA THR B 66 3.78 8.69 5.34
C THR B 66 4.53 7.69 6.21
N SER B 67 3.82 6.86 6.98
CA SER B 67 4.50 5.97 7.92
C SER B 67 5.41 4.99 7.19
N LYS B 68 4.91 4.40 6.09
CA LYS B 68 5.77 3.64 5.20
C LYS B 68 6.73 4.56 4.45
N SER B 69 7.97 4.12 4.31
CA SER B 69 8.89 4.67 3.32
C SER B 69 9.73 3.55 2.74
N THR B 70 10.20 3.75 1.51
CA THR B 70 11.07 2.81 0.82
C THR B 70 12.41 3.47 0.55
N VAL B 71 13.49 2.80 0.89
CA VAL B 71 14.82 3.40 0.88
C VAL B 71 15.73 2.51 0.04
N GLU B 72 16.47 3.14 -0.89
CA GLU B 72 17.48 2.43 -1.67
C GLU B 72 18.77 3.24 -1.69
N GLU B 73 19.89 2.55 -1.86
CA GLU B 73 21.19 3.18 -1.93
C GLU B 73 21.67 3.24 -3.37
N LEU B 74 21.97 4.44 -3.85
CA LEU B 74 22.39 4.65 -5.22
C LEU B 74 23.77 4.05 -5.48
N HIS B 75 23.92 3.41 -6.63
CA HIS B 75 25.22 2.98 -7.11
C HIS B 75 26.08 4.19 -7.46
N GLU B 76 27.38 4.08 -7.20
CA GLU B 76 28.36 5.09 -7.59
C GLU B 76 27.95 6.50 -7.16
N PRO B 77 27.81 6.75 -5.85
CA PRO B 77 27.57 8.11 -5.38
C PRO B 77 28.71 9.07 -5.67
N ILE B 78 28.35 10.35 -5.83
CA ILE B 78 29.28 11.40 -6.24
C ILE B 78 29.21 12.52 -5.21
N PRO B 79 29.87 12.38 -4.05
CA PRO B 79 29.67 13.36 -2.96
C PRO B 79 30.01 14.80 -3.34
N SER B 80 31.03 15.01 -4.18
CA SER B 80 31.42 16.38 -4.51
C SER B 80 30.29 17.13 -5.20
N LEU B 81 29.58 16.45 -6.12
CA LEU B 81 28.45 17.10 -6.77
C LEU B 81 27.38 17.46 -5.75
N PHE B 82 27.11 16.55 -4.81
CA PHE B 82 26.04 16.79 -3.85
C PHE B 82 26.37 18.03 -3.02
N ARG B 83 27.62 18.13 -2.57
CA ARG B 83 27.99 19.31 -1.80
C ARG B 83 27.88 20.56 -2.66
N ALA B 84 28.34 20.47 -3.91
CA ALA B 84 28.41 21.68 -4.75
C ALA B 84 27.01 22.23 -4.96
N LEU B 85 26.04 21.35 -5.24
CA LEU B 85 24.68 21.77 -5.48
C LEU B 85 23.93 22.08 -4.19
N THR B 86 24.45 21.67 -3.04
CA THR B 86 23.76 21.91 -1.78
C THR B 86 24.17 23.22 -1.11
N GLU B 87 25.47 23.49 -1.04
CA GLU B 87 25.94 24.63 -0.25
C GLU B 87 25.40 25.95 -0.79
N GLY B 88 25.39 26.12 -2.11
CA GLY B 88 25.04 27.39 -2.71
C GLY B 88 23.54 27.63 -2.72
N ASP B 89 23.17 28.81 -3.21
CA ASP B 89 21.77 29.21 -3.28
C ASP B 89 20.94 28.07 -3.86
N THR B 90 20.19 27.39 -3.02
CA THR B 90 19.53 26.15 -3.42
C THR B 90 18.43 26.42 -4.42
N GLN B 91 18.17 25.42 -5.26
CA GLN B 91 17.09 25.50 -6.23
C GLN B 91 15.75 25.59 -5.51
N LEU B 92 14.83 26.37 -6.09
CA LEU B 92 13.53 26.58 -5.44
C LEU B 92 12.78 25.26 -5.29
N ASN B 93 12.83 24.40 -6.31
CA ASN B 93 12.17 23.11 -6.23
C ASN B 93 12.74 22.26 -5.10
N TRP B 94 13.95 22.56 -4.62
CA TRP B 94 14.64 21.78 -3.61
C TRP B 94 14.60 22.52 -2.28
N ASN B 95 14.20 21.82 -1.21
CA ASN B 95 14.30 22.32 0.16
C ASN B 95 15.45 21.57 0.84
N ILE B 96 16.37 22.30 1.45
CA ILE B 96 17.60 21.70 1.96
C ILE B 96 17.57 21.76 3.48
N VAL B 97 17.72 20.60 4.12
CA VAL B 97 17.73 20.50 5.58
C VAL B 97 19.05 19.86 6.00
N SER B 98 19.76 20.50 6.91
CA SER B 98 20.88 19.89 7.61
C SER B 98 20.58 19.76 9.09
N PHE B 99 20.71 18.54 9.60
CA PHE B 99 20.47 18.21 11.00
C PHE B 99 21.63 17.34 11.49
N PRO B 100 21.89 17.33 12.80
CA PRO B 100 23.01 16.54 13.30
C PRO B 100 22.88 15.06 12.97
N VAL B 101 24.01 14.43 12.66
CA VAL B 101 24.03 13.05 12.19
C VAL B 101 23.80 12.11 13.36
N ALA B 102 22.89 11.15 13.19
CA ALA B 102 22.52 10.17 14.21
C ALA B 102 21.36 10.69 15.07
N GLU B 103 20.80 11.83 14.69
CA GLU B 103 19.56 12.29 15.31
C GLU B 103 18.42 11.31 15.08
N GLU B 104 18.31 10.76 13.87
CA GLU B 104 17.17 9.91 13.55
C GLU B 104 17.14 8.67 14.44
N LEU B 105 18.30 8.05 14.69
CA LEU B 105 18.37 6.88 15.55
C LEU B 105 17.55 7.06 16.83
N HIS B 143 29.96 14.23 11.26
CA HIS B 143 29.62 15.45 12.00
C HIS B 143 28.13 15.77 11.89
N MET B 144 27.68 16.13 10.69
CA MET B 144 26.28 16.48 10.47
C MET B 144 25.76 15.81 9.21
N CYS B 145 24.46 15.56 9.17
CA CYS B 145 23.79 14.91 8.06
C CYS B 145 22.96 15.92 7.29
N THR B 146 23.14 15.97 5.97
CA THR B 146 22.44 16.90 5.10
C THR B 146 21.57 16.14 4.12
N VAL B 147 20.30 16.54 3.99
CA VAL B 147 19.36 15.90 3.08
C VAL B 147 18.65 16.95 2.25
N VAL B 148 18.13 16.51 1.11
CA VAL B 148 17.39 17.36 0.19
C VAL B 148 15.98 16.81 0.02
N TYR B 149 14.99 17.66 0.23
CA TYR B 149 13.58 17.33 0.16
C TYR B 149 12.99 17.95 -1.11
N PHE B 150 12.61 17.10 -2.06
CA PHE B 150 11.98 17.62 -3.28
C PHE B 150 10.61 18.19 -2.96
N ASP B 151 10.28 19.32 -3.59
CA ASP B 151 9.03 20.01 -3.29
C ASP B 151 7.84 19.24 -3.83
N ASP B 152 7.59 19.34 -5.13
CA ASP B 152 6.41 18.69 -5.70
C ASP B 152 6.53 17.18 -5.56
N CYS B 153 5.41 16.54 -5.22
CA CYS B 153 5.39 15.09 -5.05
C CYS B 153 5.66 14.40 -6.38
N MET B 154 6.45 13.33 -6.33
CA MET B 154 6.93 12.67 -7.53
C MET B 154 6.91 11.15 -7.32
N SER B 155 6.86 10.43 -8.44
CA SER B 155 6.93 8.98 -8.41
C SER B 155 8.33 8.51 -7.97
N ILE B 156 8.38 7.28 -7.47
CA ILE B 156 9.63 6.75 -6.94
C ILE B 156 10.70 6.69 -8.02
N HIS B 157 10.34 6.21 -9.22
CA HIS B 157 11.35 6.12 -10.28
C HIS B 157 11.91 7.48 -10.66
N GLN B 158 11.04 8.49 -10.75
CA GLN B 158 11.52 9.86 -10.94
C GLN B 158 12.39 10.29 -9.76
N CYS B 159 11.99 9.95 -8.55
CA CYS B 159 12.75 10.38 -7.38
C CYS B 159 14.16 9.80 -7.43
N LYS B 160 14.27 8.52 -7.80
CA LYS B 160 15.57 7.88 -7.92
C LYS B 160 16.40 8.56 -9.00
N ILE B 161 15.79 8.87 -10.15
CA ILE B 161 16.55 9.50 -11.23
C ILE B 161 17.06 10.86 -10.78
N SER B 162 16.18 11.66 -10.16
CA SER B 162 16.55 12.99 -9.73
C SER B 162 17.66 12.97 -8.67
N CYS B 163 17.56 12.05 -7.70
CA CYS B 163 18.66 11.90 -6.74
C CYS B 163 19.94 11.44 -7.42
N GLU B 164 19.84 10.51 -8.38
CA GLU B 164 21.03 10.01 -9.04
C GLU B 164 21.74 11.12 -9.79
N SER B 165 20.99 11.98 -10.47
CA SER B 165 21.61 13.13 -11.12
C SER B 165 22.27 14.03 -10.10
N MET B 166 21.78 14.01 -8.85
CA MET B 166 22.31 14.85 -7.79
C MET B 166 23.55 14.27 -7.13
N GLY B 167 23.94 13.03 -7.44
CA GLY B 167 25.06 12.42 -6.77
C GLY B 167 24.76 11.83 -5.41
N ALA B 168 23.50 11.79 -4.99
CA ALA B 168 23.17 11.39 -3.63
C ALA B 168 23.57 9.94 -3.38
N SER B 169 24.07 9.67 -2.17
CA SER B 169 24.39 8.31 -1.77
C SER B 169 23.16 7.42 -1.74
N LYS B 170 22.03 7.93 -1.23
CA LYS B 170 20.85 7.12 -1.01
C LYS B 170 19.62 8.00 -1.22
N TYR B 171 18.48 7.37 -1.47
CA TYR B 171 17.23 8.10 -1.47
C TYR B 171 16.18 7.37 -0.64
N ARG B 172 15.34 8.15 0.04
CA ARG B 172 14.16 7.66 0.74
C ARG B 172 12.93 8.23 0.06
N TRP B 173 12.00 7.36 -0.29
CA TRP B 173 10.75 7.75 -0.94
C TRP B 173 9.63 7.46 0.06
N PHE B 174 9.01 8.51 0.57
CA PHE B 174 7.81 8.38 1.38
C PHE B 174 6.64 7.90 0.52
N HIS B 175 5.77 7.10 1.13
CA HIS B 175 4.62 6.57 0.39
C HIS B 175 3.52 7.60 0.23
N ASN B 176 3.61 8.75 0.90
CA ASN B 176 2.89 9.92 0.45
C ASN B 176 3.45 10.47 -0.86
N ALA B 177 4.62 9.97 -1.27
CA ALA B 177 5.34 10.24 -2.53
C ALA B 177 6.32 11.39 -2.39
N CYS B 178 6.50 11.96 -1.19
CA CYS B 178 7.60 12.90 -0.98
C CYS B 178 8.93 12.19 -1.16
N CYS B 179 9.90 12.88 -1.76
CA CYS B 179 11.20 12.32 -2.11
C CYS B 179 12.30 13.04 -1.33
N GLU B 180 13.18 12.28 -0.70
CA GLU B 180 14.26 12.82 0.11
C GLU B 180 15.59 12.18 -0.29
N CYS B 181 16.39 12.93 -1.06
CA CYS B 181 17.77 12.53 -1.31
C CYS B 181 18.58 12.65 -0.03
N ILE B 182 19.55 11.76 0.14
CA ILE B 182 20.35 11.64 1.36
C ILE B 182 21.79 11.96 1.01
N GLY B 183 22.40 12.87 1.77
CA GLY B 183 23.75 13.29 1.51
C GLY B 183 24.79 12.25 1.87
N PRO B 184 26.00 12.41 1.31
CA PRO B 184 27.08 11.47 1.64
C PRO B 184 27.41 11.40 3.12
N GLU B 185 27.33 12.52 3.83
CA GLU B 185 27.70 12.52 5.24
C GLU B 185 26.81 11.59 6.05
N CYS B 186 25.51 11.59 5.78
CA CYS B 186 24.56 10.96 6.70
C CYS B 186 24.92 9.50 6.90
N ILE B 187 24.93 9.07 8.16
CA ILE B 187 25.23 7.68 8.48
C ILE B 187 24.14 6.78 7.91
N ASP B 188 22.86 7.16 8.09
CA ASP B 188 21.75 6.25 7.86
C ASP B 188 20.90 6.75 6.71
N TYR B 189 19.58 6.58 6.79
CA TYR B 189 18.67 7.02 5.74
C TYR B 189 18.08 8.41 5.99
N GLY B 190 18.49 9.09 7.04
CA GLY B 190 18.03 10.43 7.32
C GLY B 190 16.66 10.49 7.97
N SER B 191 16.17 11.73 8.13
CA SER B 191 14.97 11.98 8.90
C SER B 191 13.76 11.25 8.31
N LYS B 192 12.98 10.62 9.20
CA LYS B 192 11.70 10.03 8.81
C LYS B 192 10.64 11.10 8.49
N THR B 193 10.84 12.34 8.92
CA THR B 193 9.84 13.37 8.73
C THR B 193 9.61 13.67 7.25
N VAL B 194 8.35 13.88 6.90
CA VAL B 194 7.98 14.34 5.54
C VAL B 194 8.04 15.86 5.58
N LYS B 195 9.25 16.38 5.49
CA LYS B 195 9.50 17.81 5.66
C LYS B 195 9.45 18.59 4.36
N CYS B 196 9.17 17.94 3.23
CA CYS B 196 9.23 18.60 1.95
C CYS B 196 7.94 19.37 1.66
N MET B 197 8.10 20.64 1.29
CA MET B 197 6.98 21.51 0.99
C MET B 197 6.25 21.05 -0.26
N ASN B 198 4.94 21.33 -0.30
CA ASN B 198 4.08 21.00 -1.43
C ASN B 198 3.86 19.50 -1.59
N CYS B 199 4.15 18.73 -0.55
CA CYS B 199 3.56 17.40 -0.42
C CYS B 199 3.52 16.98 1.04
N MET B 200 2.60 17.56 1.82
CA MET B 200 2.41 17.24 3.22
C MET B 200 1.29 16.24 3.42
N PHE B 201 0.77 15.67 2.34
CA PHE B 201 -0.38 14.77 2.43
C PHE B 201 -0.06 13.60 3.35
N GLY B 202 -1.03 13.25 4.20
CA GLY B 202 -0.80 12.38 5.32
C GLY B 202 -0.58 13.08 6.64
N THR B 203 -0.75 14.39 6.69
CA THR B 203 -0.67 15.13 7.94
C THR B 203 -1.90 16.03 8.11
PT PT C . -13.30 20.05 -5.93
PT PT D . -17.24 -21.12 -22.58
PT PT E . -4.61 -26.94 -4.37
PT PT F . -9.91 -19.44 -0.25
PT PT G . 2.59 19.93 6.84
PT PT H . 25.78 19.89 13.67
PT PT I . 9.75 26.05 0.06
#